data_9H18
#
_entry.id   9H18
#
_cell.length_a   123.692
_cell.length_b   123.692
_cell.length_c   159.347
_cell.angle_alpha   90.000
_cell.angle_beta   90.000
_cell.angle_gamma   120.000
#
_symmetry.space_group_name_H-M   'P 65 2 2'
#
loop_
_entity.id
_entity.type
_entity.pdbx_description
1 polymer Beta-lactamase
2 non-polymer (2S,5R)-N-(2-aminoethoxy)-1-formyl-5-[(sulfooxy)amino]piperidine-2-carboxamide
3 non-polymer DI(HYDROXYETHYL)ETHER
4 non-polymer 1,2-ETHANEDIOL
5 non-polymer (2S,5R)-N-(2-azanylethoxy)-1-methanoyl-5-(oxidanylamino)piperidine-2-carboxamide
6 non-polymer 'CHLORIDE ION'
7 non-polymer 'NONAETHYLENE GLYCOL'
8 water water
#
_entity_poly.entity_id   1
_entity_poly.type   'polypeptide(L)'
_entity_poly.pdbx_seq_one_letter_code
;GPKEWQENKSWNAHFTEHKSQGVVVLWNENKQQGFTNNLKRANQAFLPASTFKIPNSLIALDLGVVKDEHQVFKWDGQTR
DIATWNRDHNLITAMKYSVVPVYQEFARQIGEARMSKMLHAFDYGNEDISGNVDSFWLDGGIRISATEQISFLRKLYHNK
LHVSERSQRIVKQAMLTEANGDYIIRAKTGYSPKIGWWVGWVELDDNVWFFAMNMDMPTSDGLGLRQAITKEVLKQEKII
P
;
_entity_poly.pdbx_strand_id   A,B
#
loop_
_chem_comp.id
_chem_comp.type
_chem_comp.name
_chem_comp.formula
2PE non-polymer 'NONAETHYLENE GLYCOL' 'C18 H38 O10'
A1IYS non-polymer (2S,5R)-N-(2-azanylethoxy)-1-methanoyl-5-(oxidanylamino)piperidine-2-carboxamide 'C9 H18 N4 O4'
CL non-polymer 'CHLORIDE ION' 'Cl -1'
EDO non-polymer 1,2-ETHANEDIOL 'C2 H6 O2'
OP0 non-polymer (2S,5R)-N-(2-aminoethoxy)-1-formyl-5-[(sulfooxy)amino]piperidine-2-carboxamide 'C9 H18 N4 O7 S'
PEG non-polymer DI(HYDROXYETHYL)ETHER 'C4 H10 O3'
#
# COMPACT_ATOMS: atom_id res chain seq x y z
N GLY A 1 17.46 31.87 -15.78
CA GLY A 1 17.44 30.51 -15.28
C GLY A 1 16.04 29.92 -15.15
N PRO A 2 15.97 28.62 -14.84
CA PRO A 2 14.67 27.94 -14.86
C PRO A 2 13.76 28.39 -13.73
N LYS A 3 12.47 28.18 -13.92
CA LYS A 3 11.46 28.58 -12.95
C LYS A 3 11.02 27.41 -12.09
N GLU A 4 10.56 27.73 -10.88
CA GLU A 4 10.04 26.71 -9.98
C GLU A 4 8.85 25.98 -10.62
N TRP A 5 7.94 26.73 -11.25
CA TRP A 5 6.78 26.18 -11.93
C TRP A 5 6.86 26.50 -13.41
N GLN A 6 6.98 25.47 -14.25
CA GLN A 6 7.00 25.65 -15.71
C GLN A 6 5.62 25.38 -16.27
N GLU A 7 5.14 26.28 -17.14
CA GLU A 7 3.84 26.12 -17.79
C GLU A 7 3.99 25.29 -19.05
N ASN A 8 3.17 24.25 -19.18
CA ASN A 8 3.14 23.38 -20.36
C ASN A 8 1.68 23.36 -20.84
N LYS A 9 1.33 24.31 -21.71
CA LYS A 9 -0.03 24.44 -22.20
C LYS A 9 -0.47 23.29 -23.10
N SER A 10 0.44 22.43 -23.54
CA SER A 10 0.05 21.34 -24.42
C SER A 10 -0.90 20.36 -23.73
N TRP A 11 -0.91 20.33 -22.40
CA TRP A 11 -1.83 19.44 -21.69
C TRP A 11 -3.29 19.86 -21.88
N ASN A 12 -3.55 21.10 -22.30
CA ASN A 12 -4.92 21.52 -22.55
C ASN A 12 -5.61 20.65 -23.58
N ALA A 13 -4.83 20.04 -24.48
CA ALA A 13 -5.41 19.10 -25.44
C ALA A 13 -6.14 17.96 -24.74
N HIS A 14 -5.62 17.50 -23.60
CA HIS A 14 -6.27 16.40 -22.89
C HIS A 14 -7.61 16.84 -22.29
N PHE A 15 -7.71 18.10 -21.86
CA PHE A 15 -9.01 18.61 -21.43
C PHE A 15 -9.91 18.90 -22.63
N THR A 16 -9.33 19.42 -23.72
CA THR A 16 -10.12 19.73 -24.91
C THR A 16 -10.70 18.47 -25.54
N GLU A 17 -9.90 17.40 -25.62
CA GLU A 17 -10.38 16.12 -26.16
C GLU A 17 -11.68 15.67 -25.50
N HIS A 18 -11.89 16.05 -24.23
CA HIS A 18 -13.10 15.67 -23.50
C HIS A 18 -14.04 16.83 -23.27
N LYS A 19 -13.89 17.93 -24.02
CA LYS A 19 -14.79 19.08 -23.95
C LYS A 19 -14.89 19.65 -22.54
N SER A 20 -13.76 19.67 -21.84
N SER A 20 -13.77 19.66 -21.82
CA SER A 20 -13.69 20.16 -20.47
CA SER A 20 -13.75 20.25 -20.48
C SER A 20 -12.51 21.11 -20.33
C SER A 20 -12.54 21.16 -20.35
N GLN A 21 -12.39 21.71 -19.14
CA GLN A 21 -11.27 22.58 -18.82
C GLN A 21 -10.86 22.29 -17.38
N GLY A 22 -9.57 22.50 -17.10
CA GLY A 22 -9.09 22.33 -15.75
C GLY A 22 -7.60 22.56 -15.68
N VAL A 23 -7.01 22.12 -14.58
CA VAL A 23 -5.58 22.24 -14.35
C VAL A 23 -5.04 20.91 -13.84
N VAL A 24 -3.86 20.52 -14.34
CA VAL A 24 -3.05 19.49 -13.70
C VAL A 24 -1.78 20.17 -13.23
N VAL A 25 -1.40 19.89 -11.98
CA VAL A 25 -0.16 20.39 -11.40
C VAL A 25 0.67 19.17 -11.00
N LEU A 26 1.91 19.11 -11.49
CA LEU A 26 2.84 18.04 -11.16
C LEU A 26 4.04 18.60 -10.43
N TRP A 27 4.58 17.83 -9.49
CA TRP A 27 5.82 18.20 -8.81
C TRP A 27 6.78 17.02 -8.86
N ASN A 28 7.94 17.23 -9.50
CA ASN A 28 8.99 16.24 -9.58
C ASN A 28 9.87 16.38 -8.34
N GLU A 29 9.77 15.40 -7.43
CA GLU A 29 10.44 15.56 -6.14
C GLU A 29 11.96 15.60 -6.27
N ASN A 30 12.55 14.71 -7.08
CA ASN A 30 14.00 14.71 -7.24
C ASN A 30 14.50 16.03 -7.80
N LYS A 31 13.84 16.53 -8.84
CA LYS A 31 14.31 17.75 -9.50
C LYS A 31 13.87 19.03 -8.78
N GLN A 32 12.95 18.94 -7.83
CA GLN A 32 12.42 20.09 -7.13
C GLN A 32 11.91 21.14 -8.12
N GLN A 33 11.12 20.67 -9.07
CA GLN A 33 10.51 21.55 -10.07
C GLN A 33 9.11 21.04 -10.37
N GLY A 34 8.23 22.00 -10.67
CA GLY A 34 6.83 21.70 -10.93
C GLY A 34 6.41 22.06 -12.34
N PHE A 35 5.28 21.52 -12.77
CA PHE A 35 4.79 21.69 -14.14
C PHE A 35 3.27 21.78 -14.10
N THR A 36 2.72 22.66 -14.92
CA THR A 36 1.26 22.81 -14.97
C THR A 36 0.85 23.43 -16.30
N ASN A 37 -0.39 23.13 -16.71
CA ASN A 37 -0.92 23.72 -17.95
C ASN A 37 -1.53 25.10 -17.74
N ASN A 38 -1.71 25.53 -16.49
CA ASN A 38 -2.37 26.80 -16.23
C ASN A 38 -1.86 27.31 -14.87
N LEU A 39 -0.85 28.19 -14.92
CA LEU A 39 -0.26 28.72 -13.69
C LEU A 39 -1.29 29.41 -12.82
N LYS A 40 -2.20 30.19 -13.43
CA LYS A 40 -3.22 30.89 -12.66
C LYS A 40 -4.14 29.90 -11.94
N ARG A 41 -4.73 28.96 -12.69
CA ARG A 41 -5.66 28.02 -12.08
C ARG A 41 -4.96 27.12 -11.07
N ALA A 42 -3.66 26.88 -11.23
CA ALA A 42 -2.93 26.10 -10.24
C ALA A 42 -3.04 26.72 -8.84
N ASN A 43 -3.17 28.05 -8.79
CA ASN A 43 -3.22 28.79 -7.53
C ASN A 43 -4.63 29.24 -7.16
N GLN A 44 -5.64 28.85 -7.93
CA GLN A 44 -7.03 29.18 -7.59
C GLN A 44 -7.55 28.23 -6.53
N ALA A 45 -8.09 28.78 -5.43
CA ALA A 45 -8.51 27.95 -4.31
C ALA A 45 -9.98 27.56 -4.45
N PHE A 46 -10.28 26.28 -4.24
CA PHE A 46 -11.64 25.75 -4.37
C PHE A 46 -11.98 24.96 -3.11
N LEU A 47 -13.29 24.70 -2.93
CA LEU A 47 -13.70 23.75 -1.89
C LEU A 47 -12.97 22.42 -2.11
N PRO A 48 -12.43 21.80 -1.05
CA PRO A 48 -11.73 20.52 -1.23
C PRO A 48 -12.64 19.34 -1.46
N ALA A 49 -13.92 19.43 -1.11
CA ALA A 49 -14.84 18.28 -1.17
C ALA A 49 -14.20 17.05 -0.54
N SER A 50 -14.32 15.89 -1.19
CA SER A 50 -13.88 14.63 -0.60
C SER A 50 -12.37 14.50 -0.46
N THR A 51 -11.57 15.38 -1.09
CA THR A 51 -10.14 15.35 -0.82
C THR A 51 -9.83 15.71 0.62
N PHE A 52 -10.78 16.35 1.31
CA PHE A 52 -10.61 16.64 2.73
C PHE A 52 -10.56 15.36 3.56
N LYS A 53 -10.95 14.22 3.00
CA LYS A 53 -10.83 12.98 3.76
C LYS A 53 -9.38 12.69 4.18
N ILE A 54 -8.40 13.23 3.46
CA ILE A 54 -7.00 13.02 3.86
C ILE A 54 -6.72 13.70 5.19
N PRO A 55 -6.85 15.03 5.31
CA PRO A 55 -6.61 15.63 6.64
C PRO A 55 -7.57 15.16 7.71
N ASN A 56 -8.85 14.92 7.36
CA ASN A 56 -9.80 14.43 8.34
C ASN A 56 -9.33 13.11 8.94
N SER A 57 -8.87 12.19 8.08
CA SER A 57 -8.35 10.91 8.56
C SER A 57 -7.16 11.11 9.50
N LEU A 58 -6.23 11.99 9.13
CA LEU A 58 -5.04 12.22 9.95
C LEU A 58 -5.43 12.69 11.34
N ILE A 59 -6.32 13.69 11.40
CA ILE A 59 -6.73 14.24 12.69
C ILE A 59 -7.48 13.20 13.51
N ALA A 60 -8.38 12.44 12.87
CA ALA A 60 -9.16 11.45 13.60
C ALA A 60 -8.26 10.38 14.20
N LEU A 61 -7.24 9.95 13.44
CA LEU A 61 -6.30 8.96 13.96
C LEU A 61 -5.47 9.54 15.09
N ASP A 62 -4.95 10.74 14.92
CA ASP A 62 -4.04 11.28 15.93
C ASP A 62 -4.75 11.51 17.25
N LEU A 63 -6.05 11.83 17.21
CA LEU A 63 -6.84 12.02 18.43
C LEU A 63 -7.47 10.75 18.94
N GLY A 64 -7.31 9.63 18.24
CA GLY A 64 -7.93 8.40 18.68
C GLY A 64 -9.41 8.28 18.37
N VAL A 65 -9.98 9.21 17.61
CA VAL A 65 -11.33 9.03 17.11
C VAL A 65 -11.41 7.77 16.26
N VAL A 66 -10.36 7.50 15.49
CA VAL A 66 -10.16 6.23 14.81
C VAL A 66 -8.97 5.55 15.48
N LYS A 67 -9.20 4.36 16.02
CA LYS A 67 -8.12 3.67 16.73
C LYS A 67 -7.09 3.10 15.77
N ASP A 68 -7.55 2.52 14.66
CA ASP A 68 -6.68 1.97 13.63
C ASP A 68 -7.52 1.73 12.37
N GLU A 69 -6.85 1.29 11.30
CA GLU A 69 -7.50 1.14 10.00
C GLU A 69 -8.41 -0.07 9.94
N HIS A 70 -8.45 -0.90 10.97
CA HIS A 70 -9.31 -2.08 11.01
C HIS A 70 -10.59 -1.86 11.80
N GLN A 71 -10.68 -0.80 12.58
CA GLN A 71 -11.86 -0.56 13.40
C GLN A 71 -13.09 -0.40 12.52
N VAL A 72 -14.16 -1.11 12.85
CA VAL A 72 -15.37 -1.10 12.04
C VAL A 72 -16.29 0.00 12.52
N PHE A 73 -16.79 0.80 11.59
CA PHE A 73 -17.79 1.82 11.87
C PHE A 73 -19.11 1.36 11.26
N LYS A 74 -20.04 0.95 12.11
CA LYS A 74 -21.28 0.34 11.65
C LYS A 74 -22.11 1.32 10.82
N TRP A 75 -22.74 0.80 9.77
CA TRP A 75 -23.69 1.58 9.00
C TRP A 75 -24.78 2.10 9.94
N ASP A 76 -25.09 3.40 9.84
CA ASP A 76 -26.13 3.97 10.71
C ASP A 76 -27.54 3.52 10.34
N GLY A 77 -27.69 2.65 9.33
CA GLY A 77 -28.98 2.11 8.98
C GLY A 77 -29.78 2.92 7.98
N GLN A 78 -29.34 4.13 7.65
CA GLN A 78 -30.07 5.00 6.75
C GLN A 78 -29.61 4.75 5.31
N THR A 79 -30.56 4.42 4.43
CA THR A 79 -30.22 4.12 3.03
C THR A 79 -29.95 5.42 2.28
N ARG A 80 -28.77 5.52 1.69
CA ARG A 80 -28.35 6.69 0.94
C ARG A 80 -28.18 6.35 -0.54
N ASP A 81 -27.95 7.38 -1.35
CA ASP A 81 -27.97 7.23 -2.81
C ASP A 81 -26.84 6.33 -3.30
N ILE A 82 -25.66 6.43 -2.69
CA ILE A 82 -24.50 5.65 -3.13
C ILE A 82 -24.54 4.33 -2.37
N ALA A 83 -24.80 3.24 -3.10
CA ALA A 83 -25.10 1.96 -2.48
C ALA A 83 -23.94 1.44 -1.63
N THR A 84 -22.70 1.69 -2.06
CA THR A 84 -21.55 1.23 -1.27
C THR A 84 -21.49 1.87 0.10
N TRP A 85 -22.26 2.93 0.36
CA TRP A 85 -22.25 3.56 1.67
C TRP A 85 -23.13 2.84 2.67
N ASN A 86 -24.06 2.01 2.21
CA ASN A 86 -25.07 1.39 3.08
C ASN A 86 -24.58 0.08 3.68
N ARG A 87 -23.41 0.12 4.31
CA ARG A 87 -22.79 -1.06 4.89
C ARG A 87 -21.76 -0.60 5.92
N ASP A 88 -21.24 -1.58 6.67
CA ASP A 88 -20.17 -1.28 7.63
C ASP A 88 -18.87 -1.00 6.88
N HIS A 89 -18.08 -0.10 7.45
CA HIS A 89 -16.82 0.31 6.83
C HIS A 89 -15.72 0.43 7.87
N ASN A 90 -14.48 0.23 7.41
CA ASN A 90 -13.31 0.65 8.19
C ASN A 90 -12.66 1.82 7.46
N LEU A 91 -11.52 2.29 7.96
CA LEU A 91 -10.89 3.46 7.36
C LEU A 91 -10.50 3.18 5.91
N ILE A 92 -10.02 1.97 5.62
CA ILE A 92 -9.60 1.64 4.26
C ILE A 92 -10.77 1.75 3.29
N THR A 93 -11.88 1.09 3.60
CA THR A 93 -13.02 1.13 2.69
C THR A 93 -13.76 2.46 2.75
N ALA A 94 -13.76 3.15 3.91
CA ALA A 94 -14.39 4.46 3.96
C ALA A 94 -13.70 5.44 3.02
N MET A 95 -12.38 5.33 2.89
N MET A 95 -12.38 5.37 2.95
CA MET A 95 -11.71 6.22 1.94
CA MET A 95 -11.66 6.17 1.96
C MET A 95 -11.85 5.73 0.50
C MET A 95 -11.99 5.71 0.55
N LYS A 96 -11.81 4.41 0.29
CA LYS A 96 -11.96 3.87 -1.07
C LYS A 96 -13.32 4.23 -1.67
N TYR A 97 -14.38 4.09 -0.90
CA TYR A 97 -15.72 4.41 -1.37
C TYR A 97 -16.16 5.81 -0.99
N SER A 98 -15.28 6.60 -0.37
CA SER A 98 -15.53 8.01 -0.06
C SER A 98 -16.84 8.15 0.73
N VAL A 99 -16.93 7.42 1.83
CA VAL A 99 -18.17 7.28 2.60
C VAL A 99 -18.37 8.52 3.48
N VAL A 100 -19.09 9.52 2.95
CA VAL A 100 -19.27 10.79 3.66
C VAL A 100 -19.80 10.64 5.09
N PRO A 101 -20.86 9.87 5.36
CA PRO A 101 -21.41 9.87 6.73
C PRO A 101 -20.44 9.37 7.78
N VAL A 102 -19.56 8.42 7.43
CA VAL A 102 -18.52 8.00 8.35
C VAL A 102 -17.63 9.19 8.69
N TYR A 103 -17.23 9.95 7.67
CA TYR A 103 -16.32 11.08 7.89
C TYR A 103 -17.01 12.25 8.57
N GLN A 104 -18.32 12.42 8.36
CA GLN A 104 -19.05 13.44 9.11
C GLN A 104 -19.03 13.11 10.60
N GLU A 105 -19.19 11.84 10.95
CA GLU A 105 -19.12 11.45 12.36
C GLU A 105 -17.72 11.68 12.93
N PHE A 106 -16.67 11.34 12.16
CA PHE A 106 -15.31 11.68 12.59
C PHE A 106 -15.23 13.17 12.94
N ALA A 107 -15.68 14.03 12.01
CA ALA A 107 -15.56 15.47 12.20
C ALA A 107 -16.32 15.93 13.44
N ARG A 108 -17.53 15.38 13.66
CA ARG A 108 -18.27 15.78 14.86
C ARG A 108 -17.52 15.38 16.12
N GLN A 109 -16.88 14.20 16.13
N GLN A 109 -16.89 14.19 16.12
CA GLN A 109 -16.13 13.77 17.30
CA GLN A 109 -16.12 13.77 17.28
C GLN A 109 -14.85 14.58 17.48
C GLN A 109 -14.89 14.64 17.47
N ILE A 110 -14.22 14.99 16.38
CA ILE A 110 -13.06 15.88 16.47
C ILE A 110 -13.47 17.20 17.08
N GLY A 111 -14.56 17.76 16.59
CA GLY A 111 -15.05 19.03 17.11
C GLY A 111 -14.38 20.22 16.48
N GLU A 112 -15.08 21.37 16.49
CA GLU A 112 -14.58 22.53 15.75
C GLU A 112 -13.26 23.05 16.31
N ALA A 113 -13.13 23.10 17.64
CA ALA A 113 -11.92 23.67 18.23
C ALA A 113 -10.67 22.90 17.79
N ARG A 114 -10.71 21.57 17.89
CA ARG A 114 -9.55 20.79 17.49
C ARG A 114 -9.37 20.75 15.98
N MET A 115 -10.48 20.76 15.24
CA MET A 115 -10.40 20.78 13.78
C MET A 115 -9.67 22.04 13.31
N SER A 116 -10.08 23.20 13.84
CA SER A 116 -9.45 24.46 13.44
C SER A 116 -7.96 24.47 13.82
N LYS A 117 -7.64 24.01 15.03
CA LYS A 117 -6.26 24.00 15.49
C LYS A 117 -5.39 23.12 14.59
N MET A 118 -5.91 21.96 14.20
N MET A 118 -5.89 21.93 14.24
CA MET A 118 -5.09 21.04 13.39
CA MET A 118 -5.12 21.03 13.39
C MET A 118 -4.96 21.49 11.94
C MET A 118 -4.91 21.61 11.99
N LEU A 119 -5.98 22.15 11.38
CA LEU A 119 -5.82 22.69 10.04
C LEU A 119 -4.83 23.85 10.02
N HIS A 120 -4.78 24.66 11.09
CA HIS A 120 -3.76 25.68 11.17
C HIS A 120 -2.38 25.06 11.26
N ALA A 121 -2.22 24.02 12.08
CA ALA A 121 -0.93 23.35 12.16
C ALA A 121 -0.51 22.75 10.82
N PHE A 122 -1.49 22.27 10.03
CA PHE A 122 -1.21 21.70 8.72
C PHE A 122 -0.97 22.77 7.66
N ASP A 123 -1.20 24.05 7.98
CA ASP A 123 -1.12 25.13 6.99
C ASP A 123 -2.05 24.85 5.81
N TYR A 124 -3.23 24.29 6.10
CA TYR A 124 -4.08 23.70 5.06
C TYR A 124 -4.98 24.76 4.42
N GLY A 125 -4.70 25.10 3.16
CA GLY A 125 -5.59 25.99 2.45
C GLY A 125 -5.77 27.32 3.18
N ASN A 126 -7.00 27.84 3.19
CA ASN A 126 -7.27 29.05 3.94
C ASN A 126 -7.63 28.78 5.40
N GLU A 127 -7.58 27.51 5.83
CA GLU A 127 -7.76 27.08 7.22
C GLU A 127 -9.12 27.43 7.80
N ASP A 128 -10.10 27.80 6.98
CA ASP A 128 -11.36 28.37 7.43
C ASP A 128 -12.42 27.27 7.54
N ILE A 129 -12.85 26.98 8.77
CA ILE A 129 -13.83 25.94 9.00
C ILE A 129 -15.22 26.52 9.24
N SER A 130 -15.45 27.78 8.88
CA SER A 130 -16.76 28.38 9.03
C SER A 130 -17.77 27.56 8.25
N GLY A 131 -18.97 27.46 8.79
CA GLY A 131 -19.93 26.45 8.43
C GLY A 131 -20.11 25.46 9.56
N ASN A 132 -20.64 24.31 9.21
CA ASN A 132 -20.81 23.23 10.17
C ASN A 132 -19.52 22.42 10.22
N VAL A 133 -19.15 21.94 11.41
CA VAL A 133 -17.93 21.14 11.53
C VAL A 133 -18.02 19.87 10.69
N ASP A 134 -19.23 19.40 10.39
CA ASP A 134 -19.40 18.17 9.64
C ASP A 134 -19.75 18.40 8.17
N SER A 135 -19.57 19.63 7.66
CA SER A 135 -19.82 19.84 6.24
C SER A 135 -19.04 21.01 5.63
N PHE A 136 -18.14 21.65 6.38
CA PHE A 136 -17.49 22.87 5.86
C PHE A 136 -16.68 22.61 4.59
N TRP A 137 -16.16 21.39 4.44
CA TRP A 137 -15.39 21.05 3.25
C TRP A 137 -16.28 20.74 2.05
N LEU A 138 -17.59 20.61 2.26
CA LEU A 138 -18.57 20.38 1.21
C LEU A 138 -19.33 21.64 0.84
N ASP A 139 -19.68 22.48 1.83
CA ASP A 139 -20.47 23.68 1.53
C ASP A 139 -20.12 24.86 2.42
N GLY A 140 -18.95 24.86 3.06
CA GLY A 140 -18.57 25.96 3.92
C GLY A 140 -17.49 26.83 3.33
N GLY A 141 -16.66 27.40 4.18
CA GLY A 141 -15.73 28.43 3.76
C GLY A 141 -14.33 27.99 3.41
N ILE A 142 -13.99 26.71 3.60
CA ILE A 142 -12.61 26.29 3.38
C ILE A 142 -12.31 26.23 1.88
N ARG A 143 -11.12 26.66 1.50
CA ARG A 143 -10.72 26.72 0.10
C ARG A 143 -9.26 26.33 0.02
N ILE A 144 -8.90 25.54 -0.98
CA ILE A 144 -7.50 25.12 -1.14
C ILE A 144 -7.22 25.02 -2.63
N SER A 145 -6.03 25.48 -3.03
CA SER A 145 -5.65 25.44 -4.43
C SER A 145 -4.88 24.16 -4.74
N ALA A 146 -4.71 23.89 -6.03
CA ALA A 146 -3.97 22.69 -6.43
C ALA A 146 -2.53 22.74 -5.92
N THR A 147 -1.89 23.92 -6.00
CA THR A 147 -0.52 24.04 -5.47
C THR A 147 -0.50 23.87 -3.96
N GLU A 148 -1.52 24.38 -3.25
CA GLU A 148 -1.61 24.13 -1.81
C GLU A 148 -1.81 22.64 -1.49
N GLN A 149 -2.56 21.92 -2.33
CA GLN A 149 -2.69 20.48 -2.14
C GLN A 149 -1.35 19.80 -2.27
N ILE A 150 -0.54 20.20 -3.26
CA ILE A 150 0.80 19.63 -3.40
C ILE A 150 1.62 19.85 -2.14
N SER A 151 1.63 21.10 -1.64
CA SER A 151 2.42 21.42 -0.46
C SER A 151 2.01 20.55 0.72
N PHE A 152 0.71 20.38 0.92
CA PHE A 152 0.21 19.52 1.99
C PHE A 152 0.63 18.06 1.77
N LEU A 153 0.48 17.55 0.55
CA LEU A 153 0.81 16.17 0.25
C LEU A 153 2.31 15.90 0.41
N ARG A 154 3.15 16.87 0.07
CA ARG A 154 4.58 16.68 0.25
C ARG A 154 4.94 16.53 1.73
N LYS A 155 4.30 17.33 2.59
CA LYS A 155 4.49 17.16 4.02
C LYS A 155 4.06 15.77 4.48
N LEU A 156 2.89 15.31 4.03
CA LEU A 156 2.41 13.98 4.40
C LEU A 156 3.38 12.90 3.94
N TYR A 157 3.80 12.95 2.67
CA TYR A 157 4.75 11.97 2.15
C TYR A 157 5.98 11.86 3.04
N HIS A 158 6.50 13.00 3.51
CA HIS A 158 7.73 13.05 4.29
C HIS A 158 7.51 12.92 5.80
N ASN A 159 6.29 12.62 6.24
CA ASN A 159 5.96 12.50 7.66
C ASN A 159 6.23 13.81 8.42
N LYS A 160 6.06 14.94 7.73
CA LYS A 160 6.39 16.24 8.30
C LYS A 160 5.18 16.96 8.91
N LEU A 161 3.97 16.43 8.75
CA LEU A 161 2.81 17.09 9.34
C LEU A 161 2.87 16.95 10.87
N HIS A 162 2.21 17.89 11.55
N HIS A 162 2.19 17.88 11.54
CA HIS A 162 2.28 17.95 13.01
CA HIS A 162 2.18 17.96 13.00
C HIS A 162 1.30 16.97 13.64
C HIS A 162 1.17 16.97 13.58
N VAL A 163 1.37 15.70 13.22
CA VAL A 163 0.69 14.56 13.84
C VAL A 163 1.73 13.44 13.93
N SER A 164 1.36 12.34 14.54
CA SER A 164 2.33 11.27 14.74
C SER A 164 2.75 10.64 13.40
N GLU A 165 3.95 10.03 13.39
CA GLU A 165 4.34 9.26 12.22
C GLU A 165 3.34 8.16 11.92
N ARG A 166 2.85 7.48 12.97
CA ARG A 166 1.87 6.41 12.78
C ARG A 166 0.64 6.90 12.05
N SER A 167 0.08 8.04 12.49
CA SER A 167 -1.10 8.57 11.80
C SER A 167 -0.83 8.79 10.32
N GLN A 168 0.34 9.35 10.01
CA GLN A 168 0.69 9.62 8.62
C GLN A 168 0.87 8.33 7.82
N ARG A 169 1.52 7.32 8.40
CA ARG A 169 1.66 6.05 7.68
C ARG A 169 0.30 5.40 7.42
N ILE A 170 -0.61 5.44 8.40
CA ILE A 170 -1.91 4.81 8.22
C ILE A 170 -2.70 5.49 7.11
N VAL A 171 -2.73 6.82 7.11
CA VAL A 171 -3.43 7.55 6.06
C VAL A 171 -2.82 7.27 4.69
N LYS A 172 -1.49 7.21 4.60
CA LYS A 172 -0.89 6.90 3.31
C LYS A 172 -1.28 5.50 2.85
N GLN A 173 -1.39 4.56 3.79
CA GLN A 173 -1.92 3.24 3.45
C GLN A 173 -3.33 3.33 2.92
N ALA A 174 -4.20 4.07 3.62
CA ALA A 174 -5.59 4.24 3.19
C ALA A 174 -5.71 4.92 1.84
N MET A 175 -4.73 5.73 1.43
CA MET A 175 -4.77 6.39 0.13
C MET A 175 -4.41 5.48 -1.03
N LEU A 176 -3.91 4.26 -0.76
CA LEU A 176 -3.49 3.37 -1.84
C LEU A 176 -4.64 3.21 -2.83
N THR A 177 -4.36 3.50 -4.09
CA THR A 177 -5.34 3.41 -5.15
C THR A 177 -5.01 2.36 -6.19
N GLU A 178 -3.76 2.28 -6.60
CA GLU A 178 -3.35 1.39 -7.67
C GLU A 178 -1.88 1.06 -7.47
N ALA A 179 -1.50 -0.19 -7.71
CA ALA A 179 -0.10 -0.55 -7.65
C ALA A 179 0.17 -1.70 -8.60
N ASN A 180 1.30 -1.61 -9.32
CA ASN A 180 1.77 -2.68 -10.18
C ASN A 180 3.30 -2.60 -10.20
N GLY A 181 3.92 -3.36 -11.10
CA GLY A 181 5.36 -3.35 -11.16
C GLY A 181 5.96 -2.06 -11.69
N ASP A 182 5.15 -1.16 -12.23
CA ASP A 182 5.64 0.09 -12.80
C ASP A 182 5.48 1.29 -11.87
N TYR A 183 4.44 1.31 -11.05
CA TYR A 183 4.21 2.49 -10.21
C TYR A 183 3.24 2.15 -9.08
N ILE A 184 3.18 3.06 -8.11
CA ILE A 184 2.21 3.00 -7.03
C ILE A 184 1.53 4.37 -6.98
N ILE A 185 0.20 4.39 -6.96
CA ILE A 185 -0.55 5.63 -6.84
C ILE A 185 -1.27 5.65 -5.51
N ARG A 186 -1.05 6.72 -4.73
CA ARG A 186 -1.77 6.99 -3.50
C ARG A 186 -2.47 8.33 -3.73
N ALA A 187 -3.78 8.37 -3.55
CA ALA A 187 -4.53 9.55 -4.00
C ALA A 187 -5.93 9.56 -3.40
N LYS A 188 -6.63 10.68 -3.61
CA LYS A 188 -8.02 10.81 -3.20
C LYS A 188 -8.77 11.67 -4.19
N THR A 189 -9.93 11.18 -4.63
CA THR A 189 -10.82 11.92 -5.51
C THR A 189 -11.73 12.86 -4.71
N GLY A 190 -12.35 13.79 -5.42
CA GLY A 190 -13.39 14.63 -4.82
C GLY A 190 -14.25 15.26 -5.88
N TYR A 191 -15.49 15.60 -5.49
CA TYR A 191 -16.41 16.25 -6.40
C TYR A 191 -17.40 17.07 -5.57
N SER A 192 -17.58 18.31 -5.96
CA SER A 192 -18.62 19.17 -5.41
C SER A 192 -19.19 19.92 -6.59
N PRO A 193 -20.37 20.59 -6.48
CA PRO A 193 -20.97 21.22 -7.67
C PRO A 193 -19.99 22.04 -8.50
N LYS A 194 -19.73 21.55 -9.70
CA LYS A 194 -18.98 22.16 -10.78
C LYS A 194 -17.47 21.92 -10.75
N ILE A 195 -16.91 21.20 -9.78
CA ILE A 195 -15.47 20.96 -9.70
C ILE A 195 -15.21 19.51 -9.31
N GLY A 196 -14.40 18.82 -10.09
CA GLY A 196 -13.89 17.50 -9.73
C GLY A 196 -12.40 17.59 -9.43
N TRP A 197 -11.95 16.79 -8.47
CA TRP A 197 -10.57 16.79 -7.98
C TRP A 197 -9.97 15.39 -8.08
N TRP A 198 -8.65 15.34 -8.30
CA TRP A 198 -7.87 14.15 -7.98
C TRP A 198 -6.50 14.64 -7.51
N VAL A 199 -6.11 14.27 -6.28
CA VAL A 199 -4.82 14.70 -5.73
C VAL A 199 -4.11 13.50 -5.13
N GLY A 200 -2.79 13.50 -5.22
CA GLY A 200 -2.04 12.38 -4.66
C GLY A 200 -0.62 12.39 -5.20
N TRP A 201 -0.07 11.19 -5.36
CA TRP A 201 1.26 11.09 -5.95
C TRP A 201 1.48 9.72 -6.58
N VAL A 202 2.51 9.66 -7.42
CA VAL A 202 2.96 8.45 -8.11
C VAL A 202 4.34 8.13 -7.58
N GLU A 203 4.49 6.97 -6.97
CA GLU A 203 5.78 6.52 -6.46
C GLU A 203 6.42 5.65 -7.54
N LEU A 204 7.63 6.03 -7.97
CA LEU A 204 8.47 5.24 -8.86
C LEU A 204 9.61 4.62 -8.04
N ASP A 205 10.41 3.77 -8.70
CA ASP A 205 11.53 3.15 -8.00
C ASP A 205 12.44 4.20 -7.38
N ASP A 206 12.70 5.30 -8.09
CA ASP A 206 13.71 6.24 -7.62
C ASP A 206 13.27 7.69 -7.74
N ASN A 207 11.97 7.95 -7.71
CA ASN A 207 11.46 9.31 -7.70
C ASN A 207 10.00 9.25 -7.25
N VAL A 208 9.45 10.42 -6.91
CA VAL A 208 8.04 10.57 -6.59
C VAL A 208 7.52 11.77 -7.36
N TRP A 209 6.35 11.62 -7.98
CA TRP A 209 5.69 12.72 -8.67
C TRP A 209 4.39 13.03 -7.95
N PHE A 210 4.31 14.19 -7.33
CA PHE A 210 3.05 14.63 -6.73
C PHE A 210 2.17 15.24 -7.80
N PHE A 211 0.86 15.07 -7.63
CA PHE A 211 -0.07 15.64 -8.58
C PHE A 211 -1.29 16.19 -7.85
N ALA A 212 -1.85 17.24 -8.42
CA ALA A 212 -3.14 17.75 -7.98
C ALA A 212 -3.82 18.28 -9.22
N MET A 213 -5.02 17.76 -9.50
CA MET A 213 -5.79 18.21 -10.66
C MET A 213 -7.18 18.61 -10.21
N ASN A 214 -7.72 19.63 -10.85
CA ASN A 214 -9.15 19.91 -10.76
C ASN A 214 -9.68 20.29 -12.13
N MET A 215 -10.98 20.10 -12.33
CA MET A 215 -11.59 20.32 -13.64
C MET A 215 -13.04 20.72 -13.45
N ASP A 216 -13.56 21.47 -14.42
CA ASP A 216 -14.96 21.85 -14.41
C ASP A 216 -15.84 20.64 -14.71
N MET A 217 -16.89 20.47 -13.92
CA MET A 217 -17.78 19.31 -14.04
C MET A 217 -19.22 19.78 -13.96
N PRO A 218 -19.82 20.13 -15.10
CA PRO A 218 -21.21 20.61 -15.09
C PRO A 218 -22.21 19.62 -14.51
N THR A 219 -21.98 18.32 -14.65
CA THR A 219 -22.81 17.29 -14.06
C THR A 219 -21.91 16.23 -13.43
N SER A 220 -22.54 15.21 -12.84
CA SER A 220 -21.83 14.09 -12.25
C SER A 220 -21.31 13.10 -13.29
N ASP A 221 -21.76 13.21 -14.54
CA ASP A 221 -21.20 12.40 -15.61
C ASP A 221 -19.75 12.80 -15.85
N GLY A 222 -18.94 11.82 -16.23
CA GLY A 222 -17.55 12.10 -16.51
C GLY A 222 -16.66 12.24 -15.29
N LEU A 223 -17.05 11.63 -14.16
CA LEU A 223 -16.15 11.58 -13.02
C LEU A 223 -14.88 10.80 -13.34
N GLY A 224 -15.00 9.77 -14.19
CA GLY A 224 -13.83 9.02 -14.61
C GLY A 224 -12.82 9.86 -15.37
N LEU A 225 -13.23 11.03 -15.87
CA LEU A 225 -12.29 11.92 -16.55
C LEU A 225 -11.22 12.43 -15.60
N ARG A 226 -11.50 12.49 -14.30
CA ARG A 226 -10.52 12.98 -13.34
C ARG A 226 -9.24 12.14 -13.39
N GLN A 227 -9.38 10.82 -13.35
CA GLN A 227 -8.21 9.96 -13.43
C GLN A 227 -7.71 9.82 -14.87
N ALA A 228 -8.63 9.78 -15.83
CA ALA A 228 -8.24 9.57 -17.22
C ALA A 228 -7.40 10.74 -17.74
N ILE A 229 -7.83 11.97 -17.46
CA ILE A 229 -7.08 13.14 -17.92
C ILE A 229 -5.72 13.20 -17.23
N THR A 230 -5.70 13.00 -15.90
CA THR A 230 -4.44 12.97 -15.18
C THR A 230 -3.49 11.94 -15.76
N LYS A 231 -4.01 10.74 -16.04
CA LYS A 231 -3.14 9.69 -16.58
C LYS A 231 -2.64 10.03 -17.97
N GLU A 232 -3.43 10.74 -18.78
CA GLU A 232 -2.94 11.19 -20.06
C GLU A 232 -1.75 12.13 -19.90
N VAL A 233 -1.80 13.01 -18.90
CA VAL A 233 -0.66 13.88 -18.63
C VAL A 233 0.52 13.06 -18.13
N LEU A 234 0.28 12.16 -17.18
CA LEU A 234 1.35 11.30 -16.66
C LEU A 234 2.00 10.49 -17.78
N LYS A 235 1.20 9.97 -18.71
CA LYS A 235 1.76 9.24 -19.83
C LYS A 235 2.56 10.14 -20.75
N GLN A 236 2.06 11.35 -21.03
CA GLN A 236 2.79 12.25 -21.91
C GLN A 236 4.15 12.61 -21.32
N GLU A 237 4.23 12.74 -20.00
CA GLU A 237 5.47 13.09 -19.33
C GLU A 237 6.35 11.87 -19.03
N LYS A 238 5.99 10.69 -19.54
CA LYS A 238 6.78 9.47 -19.38
C LYS A 238 6.90 9.03 -17.92
N ILE A 239 5.93 9.42 -17.09
CA ILE A 239 5.92 9.02 -15.69
C ILE A 239 5.35 7.61 -15.54
N ILE A 240 4.33 7.28 -16.31
CA ILE A 240 3.78 5.92 -16.36
C ILE A 240 3.74 5.51 -17.82
N PRO A 241 3.79 4.20 -18.13
CA PRO A 241 3.76 3.74 -19.53
C PRO A 241 2.37 3.80 -20.15
N GLY B 1 -18.95 -31.13 14.24
CA GLY B 1 -18.66 -29.73 13.99
C GLY B 1 -17.91 -29.52 12.69
N PRO B 2 -17.81 -28.27 12.26
CA PRO B 2 -17.11 -27.95 11.01
C PRO B 2 -15.61 -28.19 11.15
N LYS B 3 -14.92 -28.20 10.01
CA LYS B 3 -13.49 -28.51 9.96
C LYS B 3 -12.69 -27.21 9.83
N GLU B 4 -11.66 -27.07 10.66
CA GLU B 4 -10.78 -25.92 10.51
C GLU B 4 -10.02 -25.98 9.20
N TRP B 5 -9.69 -27.20 8.74
CA TRP B 5 -8.90 -27.40 7.53
C TRP B 5 -9.62 -28.37 6.60
N GLN B 6 -9.76 -27.97 5.34
CA GLN B 6 -10.40 -28.80 4.32
C GLN B 6 -9.44 -28.98 3.15
N GLU B 7 -9.52 -30.16 2.53
CA GLU B 7 -8.71 -30.46 1.37
C GLU B 7 -9.56 -30.35 0.11
N ASN B 8 -9.02 -29.68 -0.91
CA ASN B 8 -9.65 -29.57 -2.22
C ASN B 8 -8.62 -30.00 -3.27
N LYS B 9 -8.67 -31.28 -3.67
CA LYS B 9 -7.70 -31.81 -4.61
C LYS B 9 -7.92 -31.31 -6.04
N SER B 10 -9.03 -30.65 -6.33
CA SER B 10 -9.26 -30.17 -7.69
C SER B 10 -8.26 -29.10 -8.09
N TRP B 11 -7.63 -28.43 -7.11
CA TRP B 11 -6.59 -27.48 -7.44
C TRP B 11 -5.37 -28.15 -8.07
N ASN B 12 -5.21 -29.47 -7.92
CA ASN B 12 -4.09 -30.15 -8.54
C ASN B 12 -4.08 -29.96 -10.05
N ALA B 13 -5.26 -29.75 -10.65
CA ALA B 13 -5.34 -29.53 -12.09
C ALA B 13 -4.54 -28.30 -12.50
N HIS B 14 -4.47 -27.29 -11.63
CA HIS B 14 -3.71 -26.09 -11.96
C HIS B 14 -2.21 -26.34 -11.95
N PHE B 15 -1.74 -27.25 -11.10
CA PHE B 15 -0.34 -27.65 -11.14
C PHE B 15 -0.06 -28.59 -12.32
N THR B 16 -0.91 -29.61 -12.48
CA THR B 16 -0.73 -30.61 -13.54
C THR B 16 -0.69 -29.95 -14.92
N GLU B 17 -1.52 -28.92 -15.12
CA GLU B 17 -1.57 -28.26 -16.42
C GLU B 17 -0.19 -27.76 -16.85
N HIS B 18 0.68 -27.43 -15.90
CA HIS B 18 2.02 -26.97 -16.18
C HIS B 18 3.07 -28.04 -15.92
N LYS B 19 2.66 -29.30 -15.81
CA LYS B 19 3.57 -30.41 -15.56
C LYS B 19 4.37 -30.20 -14.28
N SER B 20 3.72 -29.65 -13.27
N SER B 20 3.73 -29.64 -13.26
CA SER B 20 4.32 -29.36 -11.97
CA SER B 20 4.35 -29.41 -11.98
C SER B 20 3.50 -30.02 -10.87
C SER B 20 3.48 -29.98 -10.87
N GLN B 21 4.00 -29.91 -9.64
CA GLN B 21 3.32 -30.41 -8.46
C GLN B 21 3.61 -29.42 -7.35
N GLY B 22 2.65 -29.24 -6.44
CA GLY B 22 2.90 -28.35 -5.34
C GLY B 22 1.70 -28.25 -4.42
N VAL B 23 1.73 -27.22 -3.58
CA VAL B 23 0.66 -27.00 -2.61
C VAL B 23 0.33 -25.52 -2.59
N VAL B 24 -0.96 -25.20 -2.59
CA VAL B 24 -1.46 -23.89 -2.24
C VAL B 24 -2.22 -24.03 -0.93
N VAL B 25 -1.96 -23.15 0.02
CA VAL B 25 -2.68 -23.10 1.29
C VAL B 25 -3.36 -21.75 1.39
N LEU B 26 -4.67 -21.75 1.66
CA LEU B 26 -5.46 -20.52 1.81
C LEU B 26 -6.02 -20.48 3.22
N TRP B 27 -6.11 -19.28 3.79
CA TRP B 27 -6.73 -19.09 5.10
C TRP B 27 -7.73 -17.95 5.02
N ASN B 28 -8.99 -18.26 5.31
CA ASN B 28 -10.06 -17.28 5.32
C ASN B 28 -10.10 -16.68 6.73
N GLU B 29 -9.68 -15.41 6.85
CA GLU B 29 -9.53 -14.83 8.17
C GLU B 29 -10.87 -14.70 8.88
N ASN B 30 -11.90 -14.23 8.16
CA ASN B 30 -13.20 -14.05 8.79
C ASN B 30 -13.74 -15.37 9.33
N LYS B 31 -13.66 -16.44 8.53
CA LYS B 31 -14.26 -17.70 8.92
C LYS B 31 -13.35 -18.54 9.81
N GLN B 32 -12.07 -18.19 9.90
N GLN B 32 -12.06 -18.21 9.90
CA GLN B 32 -11.08 -18.99 10.60
CA GLN B 32 -11.10 -19.02 10.65
C GLN B 32 -11.09 -20.43 10.10
C GLN B 32 -11.04 -20.45 10.11
N GLN B 33 -10.97 -20.56 8.78
CA GLN B 33 -10.91 -21.84 8.12
C GLN B 33 -9.86 -21.81 7.02
N GLY B 34 -9.17 -22.93 6.86
CA GLY B 34 -8.15 -23.07 5.85
C GLY B 34 -8.47 -24.12 4.81
N PHE B 35 -7.82 -24.02 3.66
CA PHE B 35 -8.11 -24.84 2.50
C PHE B 35 -6.81 -25.13 1.78
N THR B 36 -6.63 -26.37 1.32
CA THR B 36 -5.39 -26.69 0.60
C THR B 36 -5.65 -27.90 -0.29
N ASN B 37 -4.85 -28.03 -1.35
CA ASN B 37 -4.97 -29.21 -2.19
C ASN B 37 -4.17 -30.40 -1.66
N ASN B 38 -3.38 -30.22 -0.61
CA ASN B 38 -2.50 -31.30 -0.15
C ASN B 38 -2.21 -31.06 1.33
N LEU B 39 -3.02 -31.68 2.19
CA LEU B 39 -2.88 -31.48 3.63
C LEU B 39 -1.48 -31.85 4.11
N LYS B 40 -0.91 -32.96 3.60
CA LYS B 40 0.42 -33.35 4.06
C LYS B 40 1.46 -32.31 3.67
N ARG B 41 1.54 -31.96 2.39
CA ARG B 41 2.56 -31.02 1.94
C ARG B 41 2.37 -29.64 2.57
N ALA B 42 1.13 -29.25 2.82
CA ALA B 42 0.86 -27.97 3.48
C ALA B 42 1.65 -27.84 4.78
N ASN B 43 1.91 -28.95 5.46
CA ASN B 43 2.57 -28.93 6.76
C ASN B 43 4.00 -29.45 6.73
N GLN B 44 4.58 -29.71 5.56
CA GLN B 44 5.97 -30.12 5.46
C GLN B 44 6.86 -28.90 5.34
N ALA B 45 8.06 -29.00 5.90
CA ALA B 45 8.93 -27.85 6.08
C ALA B 45 10.00 -27.78 5.00
N PHE B 46 10.20 -26.57 4.45
CA PHE B 46 11.17 -26.33 3.39
C PHE B 46 12.01 -25.11 3.74
N LEU B 47 13.15 -24.97 3.06
CA LEU B 47 13.92 -23.74 3.15
C LEU B 47 13.04 -22.57 2.71
N PRO B 48 13.05 -21.45 3.44
CA PRO B 48 12.22 -20.30 3.05
C PRO B 48 12.77 -19.53 1.86
N ALA B 49 14.05 -19.63 1.56
CA ALA B 49 14.68 -18.83 0.52
C ALA B 49 14.30 -17.36 0.69
N SER B 50 13.98 -16.67 -0.42
CA SER B 50 13.78 -15.22 -0.38
C SER B 50 12.51 -14.81 0.35
N THR B 51 11.62 -15.74 0.70
CA THR B 51 10.52 -15.35 1.58
C THR B 51 11.06 -14.93 2.95
N PHE B 52 12.30 -15.31 3.26
CA PHE B 52 12.94 -14.86 4.50
C PHE B 52 13.19 -13.35 4.50
N LYS B 53 13.09 -12.68 3.35
CA LYS B 53 13.24 -11.23 3.34
C LYS B 53 12.20 -10.55 4.23
N ILE B 54 11.04 -11.18 4.43
CA ILE B 54 10.04 -10.59 5.32
C ILE B 54 10.56 -10.52 6.75
N PRO B 55 10.90 -11.63 7.44
CA PRO B 55 11.45 -11.48 8.80
C PRO B 55 12.77 -10.73 8.84
N ASN B 56 13.64 -10.93 7.83
CA ASN B 56 14.90 -10.20 7.82
C ASN B 56 14.65 -8.69 7.82
N SER B 57 13.69 -8.21 7.01
CA SER B 57 13.36 -6.79 6.99
C SER B 57 12.86 -6.32 8.36
N LEU B 58 11.95 -7.09 8.97
CA LEU B 58 11.40 -6.70 10.27
C LEU B 58 12.49 -6.56 11.30
N ILE B 59 13.43 -7.51 11.33
CA ILE B 59 14.50 -7.48 12.32
C ILE B 59 15.43 -6.31 12.06
N ALA B 60 15.81 -6.11 10.79
CA ALA B 60 16.72 -5.02 10.46
C ALA B 60 16.13 -3.67 10.86
N LEU B 61 14.84 -3.48 10.60
CA LEU B 61 14.17 -2.24 10.97
C LEU B 61 14.06 -2.10 12.48
N ASP B 62 13.63 -3.18 13.16
CA ASP B 62 13.38 -3.07 14.59
C ASP B 62 14.68 -2.75 15.33
N LEU B 63 15.79 -3.31 14.86
CA LEU B 63 17.10 -3.10 15.47
C LEU B 63 17.77 -1.81 15.03
N GLY B 64 17.21 -1.12 14.04
CA GLY B 64 17.82 0.09 13.53
C GLY B 64 18.94 -0.12 12.54
N VAL B 65 19.20 -1.37 12.13
CA VAL B 65 20.12 -1.61 11.02
C VAL B 65 19.67 -0.87 9.78
N VAL B 66 18.35 -0.83 9.55
CA VAL B 66 17.72 -0.03 8.50
C VAL B 66 16.91 1.05 9.19
N LYS B 67 17.18 2.31 8.85
CA LYS B 67 16.55 3.42 9.56
C LYS B 67 15.09 3.61 9.15
N ASP B 68 14.79 3.50 7.86
CA ASP B 68 13.44 3.64 7.31
C ASP B 68 13.47 3.12 5.88
N GLU B 69 12.32 3.21 5.20
CA GLU B 69 12.19 2.66 3.85
C GLU B 69 12.85 3.53 2.78
N HIS B 70 13.45 4.66 3.16
CA HIS B 70 14.12 5.56 2.24
C HIS B 70 15.64 5.44 2.27
N GLN B 71 16.19 4.83 3.32
CA GLN B 71 17.64 4.71 3.43
C GLN B 71 18.18 4.00 2.20
N VAL B 72 19.26 4.53 1.64
CA VAL B 72 19.84 4.00 0.41
C VAL B 72 20.96 3.02 0.75
N PHE B 73 20.90 1.84 0.12
CA PHE B 73 21.98 0.86 0.18
C PHE B 73 22.69 0.93 -1.16
N LYS B 74 23.91 1.47 -1.16
CA LYS B 74 24.64 1.69 -2.40
C LYS B 74 25.07 0.37 -3.02
N TRP B 75 24.95 0.29 -4.34
CA TRP B 75 25.46 -0.87 -5.06
C TRP B 75 26.95 -1.00 -4.76
N ASP B 76 27.38 -2.23 -4.46
CA ASP B 76 28.79 -2.44 -4.14
C ASP B 76 29.69 -2.46 -5.39
N GLY B 77 29.13 -2.23 -6.57
CA GLY B 77 29.91 -2.17 -7.80
C GLY B 77 30.17 -3.50 -8.47
N GLN B 78 29.78 -4.62 -7.87
CA GLN B 78 29.98 -5.93 -8.48
C GLN B 78 28.80 -6.24 -9.38
N THR B 79 29.07 -6.46 -10.67
CA THR B 79 27.99 -6.76 -11.62
C THR B 79 27.50 -8.19 -11.40
N ARG B 80 26.22 -8.33 -11.09
CA ARG B 80 25.59 -9.64 -10.86
C ARG B 80 24.64 -9.98 -12.01
N ASP B 81 24.15 -11.23 -11.98
CA ASP B 81 23.38 -11.76 -13.10
C ASP B 81 22.04 -11.04 -13.27
N ILE B 82 21.37 -10.74 -12.16
N ILE B 82 21.37 -10.72 -12.17
CA ILE B 82 20.08 -10.04 -12.19
CA ILE B 82 20.07 -10.06 -12.22
C ILE B 82 20.40 -8.56 -12.37
C ILE B 82 20.31 -8.56 -12.34
N ALA B 83 20.01 -8.00 -13.52
CA ALA B 83 20.39 -6.63 -13.84
C ALA B 83 19.83 -5.62 -12.84
N THR B 84 18.61 -5.85 -12.34
CA THR B 84 18.04 -4.88 -11.40
C THR B 84 18.79 -4.81 -10.07
N TRP B 85 19.68 -5.77 -9.80
CA TRP B 85 20.48 -5.70 -8.58
C TRP B 85 21.67 -4.75 -8.70
N ASN B 86 22.05 -4.38 -9.93
CA ASN B 86 23.28 -3.61 -10.17
C ASN B 86 23.04 -2.10 -10.10
N ARG B 87 22.50 -1.65 -8.97
CA ARG B 87 22.10 -0.26 -8.77
C ARG B 87 21.83 -0.05 -7.28
N ASP B 88 21.71 1.23 -6.89
CA ASP B 88 21.38 1.56 -5.51
C ASP B 88 19.94 1.14 -5.23
N HIS B 89 19.67 0.79 -3.97
CA HIS B 89 18.33 0.36 -3.61
C HIS B 89 17.94 0.96 -2.27
N ASN B 90 16.63 0.96 -2.00
CA ASN B 90 16.09 1.17 -0.66
C ASN B 90 15.29 -0.08 -0.29
N LEU B 91 14.61 -0.03 0.86
CA LEU B 91 13.88 -1.21 1.32
C LEU B 91 12.78 -1.59 0.35
N ILE B 92 12.08 -0.59 -0.19
CA ILE B 92 10.98 -0.87 -1.12
C ILE B 92 11.51 -1.58 -2.37
N THR B 93 12.54 -1.03 -3.00
CA THR B 93 13.02 -1.67 -4.22
C THR B 93 13.83 -2.92 -3.93
N ALA B 94 14.49 -3.00 -2.77
CA ALA B 94 15.23 -4.22 -2.45
C ALA B 94 14.28 -5.41 -2.30
N MET B 95 13.11 -5.19 -1.69
N MET B 95 13.09 -5.19 -1.75
CA MET B 95 12.09 -6.21 -1.63
CA MET B 95 12.14 -6.28 -1.66
C MET B 95 11.57 -6.53 -3.02
C MET B 95 11.47 -6.54 -3.01
N LYS B 96 11.18 -5.48 -3.77
CA LYS B 96 10.56 -5.64 -5.08
C LYS B 96 11.40 -6.49 -6.01
N TYR B 97 12.69 -6.22 -6.06
CA TYR B 97 13.60 -6.93 -6.94
C TYR B 97 14.36 -8.05 -6.24
N SER B 98 14.04 -8.31 -4.96
CA SER B 98 14.59 -9.43 -4.20
C SER B 98 16.12 -9.41 -4.22
N VAL B 99 16.69 -8.27 -3.83
CA VAL B 99 18.11 -7.96 -4.01
C VAL B 99 18.91 -8.67 -2.92
N VAL B 100 19.46 -9.84 -3.27
CA VAL B 100 20.16 -10.67 -2.27
C VAL B 100 21.29 -9.93 -1.56
N PRO B 101 22.22 -9.26 -2.25
CA PRO B 101 23.37 -8.68 -1.53
C PRO B 101 22.98 -7.67 -0.48
N VAL B 102 21.88 -6.94 -0.69
CA VAL B 102 21.40 -6.00 0.31
C VAL B 102 21.00 -6.74 1.59
N TYR B 103 20.28 -7.86 1.43
CA TYR B 103 19.79 -8.61 2.58
C TYR B 103 20.88 -9.44 3.26
N GLN B 104 21.91 -9.87 2.52
CA GLN B 104 23.06 -10.48 3.18
C GLN B 104 23.74 -9.47 4.10
N GLU B 105 23.84 -8.21 3.65
CA GLU B 105 24.42 -7.18 4.48
C GLU B 105 23.57 -6.94 5.73
N PHE B 106 22.24 -6.88 5.58
CA PHE B 106 21.38 -6.78 6.77
C PHE B 106 21.73 -7.89 7.76
N ALA B 107 21.81 -9.12 7.26
CA ALA B 107 22.00 -10.28 8.14
C ALA B 107 23.34 -10.22 8.87
N ARG B 108 24.39 -9.81 8.17
CA ARG B 108 25.68 -9.66 8.84
C ARG B 108 25.61 -8.61 9.95
N GLN B 109 24.90 -7.51 9.71
CA GLN B 109 24.82 -6.47 10.72
C GLN B 109 23.96 -6.92 11.90
N ILE B 110 22.88 -7.63 11.63
CA ILE B 110 22.05 -8.19 12.70
C ILE B 110 22.89 -9.13 13.55
N GLY B 111 23.60 -10.06 12.92
CA GLY B 111 24.45 -10.99 13.61
C GLY B 111 23.69 -12.19 14.14
N GLU B 112 24.44 -13.25 14.43
CA GLU B 112 23.83 -14.53 14.80
C GLU B 112 23.00 -14.43 16.08
N ALA B 113 23.55 -13.81 17.13
CA ALA B 113 22.85 -13.78 18.41
C ALA B 113 21.49 -13.10 18.28
N ARG B 114 21.45 -11.92 17.66
CA ARG B 114 20.20 -11.18 17.52
C ARG B 114 19.25 -11.85 16.55
N MET B 115 19.79 -12.46 15.48
CA MET B 115 18.92 -13.15 14.52
C MET B 115 18.20 -14.33 15.17
N SER B 116 18.95 -15.15 15.90
CA SER B 116 18.37 -16.31 16.56
C SER B 116 17.31 -15.89 17.59
N LYS B 117 17.62 -14.87 18.38
CA LYS B 117 16.68 -14.41 19.40
C LYS B 117 15.37 -13.92 18.76
N MET B 118 15.48 -13.22 17.63
CA MET B 118 14.31 -12.70 16.95
C MET B 118 13.47 -13.84 16.36
N LEU B 119 14.13 -14.81 15.70
CA LEU B 119 13.35 -15.91 15.13
C LEU B 119 12.63 -16.71 16.22
N HIS B 120 13.29 -16.92 17.36
CA HIS B 120 12.63 -17.56 18.48
C HIS B 120 11.41 -16.76 18.95
N ALA B 121 11.55 -15.44 19.06
CA ALA B 121 10.42 -14.63 19.48
C ALA B 121 9.29 -14.65 18.44
N PHE B 122 9.66 -14.74 17.15
CA PHE B 122 8.67 -14.80 16.07
C PHE B 122 8.00 -16.15 15.96
N ASP B 123 8.49 -17.17 16.67
N ASP B 123 8.48 -17.18 16.65
CA ASP B 123 8.05 -18.55 16.48
CA ASP B 123 8.00 -18.55 16.45
C ASP B 123 8.15 -18.95 15.00
C ASP B 123 8.15 -18.97 14.99
N TYR B 124 9.24 -18.53 14.35
CA TYR B 124 9.36 -18.64 12.90
C TYR B 124 9.92 -20.00 12.52
N GLY B 125 9.05 -20.85 11.95
CA GLY B 125 9.49 -22.15 11.48
C GLY B 125 10.18 -22.93 12.58
N ASN B 126 11.28 -23.60 12.23
CA ASN B 126 12.01 -24.38 13.22
C ASN B 126 12.99 -23.53 14.02
N GLU B 127 13.06 -22.23 13.73
CA GLU B 127 13.81 -21.23 14.51
C GLU B 127 15.32 -21.46 14.48
N ASP B 128 15.81 -22.25 13.53
CA ASP B 128 17.19 -22.73 13.52
C ASP B 128 17.97 -21.92 12.50
N ILE B 129 19.00 -21.19 12.94
CA ILE B 129 19.79 -20.39 12.03
C ILE B 129 21.12 -21.06 11.66
N SER B 130 21.27 -22.36 11.93
CA SER B 130 22.55 -23.01 11.67
C SER B 130 22.95 -22.85 10.20
N GLY B 131 24.23 -22.66 9.96
CA GLY B 131 24.75 -22.30 8.66
C GLY B 131 25.33 -20.90 8.67
N ASN B 132 25.49 -20.35 7.47
CA ASN B 132 26.11 -19.03 7.34
C ASN B 132 25.14 -17.95 7.77
N VAL B 133 25.65 -16.97 8.53
CA VAL B 133 24.79 -15.90 9.04
C VAL B 133 24.09 -15.17 7.90
N ASP B 134 24.69 -15.15 6.71
CA ASP B 134 24.16 -14.41 5.58
C ASP B 134 23.64 -15.33 4.46
N SER B 135 23.42 -16.62 4.75
CA SER B 135 22.78 -17.46 3.74
C SER B 135 21.97 -18.61 4.32
N PHE B 136 21.76 -18.67 5.64
CA PHE B 136 21.16 -19.87 6.22
C PHE B 136 19.75 -20.13 5.69
N TRP B 137 19.05 -19.08 5.25
CA TRP B 137 17.69 -19.24 4.72
C TRP B 137 17.69 -19.80 3.31
N LEU B 138 18.84 -19.88 2.66
N LEU B 138 18.84 -19.88 2.67
CA LEU B 138 18.95 -20.49 1.34
CA LEU B 138 18.97 -20.46 1.35
C LEU B 138 19.66 -21.82 1.35
C LEU B 138 19.67 -21.81 1.34
N ASP B 139 20.60 -22.04 2.28
CA ASP B 139 21.38 -23.28 2.25
C ASP B 139 21.78 -23.75 3.65
N GLY B 140 21.08 -23.26 4.68
CA GLY B 140 21.35 -23.64 6.06
C GLY B 140 20.25 -24.47 6.67
N GLY B 141 20.05 -24.33 7.98
CA GLY B 141 19.21 -25.26 8.69
C GLY B 141 17.77 -24.83 8.88
N ILE B 142 17.43 -23.58 8.53
CA ILE B 142 16.08 -23.09 8.82
C ILE B 142 15.07 -23.74 7.88
N ARG B 143 13.90 -24.08 8.42
CA ARG B 143 12.83 -24.69 7.64
C ARG B 143 11.49 -24.14 8.12
N ILE B 144 10.55 -24.03 7.19
CA ILE B 144 9.22 -23.53 7.51
C ILE B 144 8.22 -24.16 6.54
N SER B 145 7.03 -24.49 7.04
CA SER B 145 5.99 -25.04 6.21
C SER B 145 5.06 -23.94 5.72
N ALA B 146 4.23 -24.28 4.74
CA ALA B 146 3.28 -23.31 4.22
C ALA B 146 2.29 -22.87 5.30
N THR B 147 1.80 -23.81 6.12
CA THR B 147 0.90 -23.40 7.20
C THR B 147 1.62 -22.53 8.23
N GLU B 148 2.90 -22.81 8.49
CA GLU B 148 3.69 -21.96 9.39
C GLU B 148 3.94 -20.58 8.80
N GLN B 149 4.09 -20.49 7.48
CA GLN B 149 4.18 -19.18 6.84
C GLN B 149 2.91 -18.39 7.09
N ILE B 150 1.75 -19.05 6.96
CA ILE B 150 0.49 -18.36 7.22
C ILE B 150 0.40 -17.88 8.67
N SER B 151 0.78 -18.72 9.63
CA SER B 151 0.68 -18.31 11.02
C SER B 151 1.54 -17.09 11.29
N PHE B 152 2.74 -17.06 10.70
CA PHE B 152 3.62 -15.89 10.84
C PHE B 152 3.00 -14.66 10.19
N LEU B 153 2.51 -14.81 8.95
CA LEU B 153 1.93 -13.68 8.23
C LEU B 153 0.69 -13.12 8.94
N ARG B 154 -0.14 -13.99 9.54
CA ARG B 154 -1.30 -13.50 10.27
C ARG B 154 -0.87 -12.61 11.43
N LYS B 155 0.19 -13.01 12.15
CA LYS B 155 0.69 -12.16 13.22
C LYS B 155 1.17 -10.82 12.67
N LEU B 156 1.88 -10.84 11.55
CA LEU B 156 2.33 -9.60 10.93
C LEU B 156 1.15 -8.72 10.55
N TYR B 157 0.13 -9.30 9.90
CA TYR B 157 -1.04 -8.54 9.50
C TYR B 157 -1.65 -7.81 10.69
N HIS B 158 -1.72 -8.47 11.84
CA HIS B 158 -2.39 -7.93 13.02
C HIS B 158 -1.45 -7.14 13.93
N ASN B 159 -0.21 -6.92 13.50
CA ASN B 159 0.80 -6.21 14.29
C ASN B 159 1.09 -6.91 15.60
N LYS B 160 1.01 -8.24 15.59
CA LYS B 160 1.18 -9.02 16.80
C LYS B 160 2.59 -9.58 16.97
N LEU B 161 3.48 -9.41 16.01
CA LEU B 161 4.85 -9.85 16.23
C LEU B 161 5.51 -8.96 17.29
N HIS B 162 6.57 -9.49 17.91
CA HIS B 162 7.12 -8.83 19.09
C HIS B 162 7.84 -7.51 18.76
N VAL B 163 8.23 -7.30 17.51
CA VAL B 163 8.91 -6.09 17.07
C VAL B 163 7.93 -4.92 17.06
N SER B 164 8.43 -3.71 16.84
CA SER B 164 7.57 -2.54 16.96
C SER B 164 6.46 -2.57 15.92
N GLU B 165 5.34 -1.91 16.26
CA GLU B 165 4.28 -1.73 15.27
C GLU B 165 4.83 -1.02 14.04
N ARG B 166 5.71 -0.04 14.24
CA ARG B 166 6.28 0.69 13.11
C ARG B 166 7.01 -0.25 12.15
N SER B 167 7.86 -1.13 12.68
N SER B 167 7.84 -1.15 12.68
CA SER B 167 8.58 -2.05 11.81
CA SER B 167 8.58 -2.05 11.79
C SER B 167 7.58 -2.88 11.00
C SER B 167 7.64 -2.98 11.04
N GLN B 168 6.52 -3.35 11.67
CA GLN B 168 5.53 -4.18 10.99
C GLN B 168 4.81 -3.42 9.89
N ARG B 169 4.44 -2.17 10.14
CA ARG B 169 3.80 -1.35 9.11
C ARG B 169 4.74 -1.12 7.92
N ILE B 170 6.02 -0.84 8.20
CA ILE B 170 6.94 -0.57 7.10
C ILE B 170 7.11 -1.79 6.21
N VAL B 171 7.26 -2.97 6.83
CA VAL B 171 7.44 -4.19 6.02
C VAL B 171 6.17 -4.49 5.22
N LYS B 172 4.99 -4.29 5.82
CA LYS B 172 3.76 -4.50 5.07
C LYS B 172 3.67 -3.55 3.87
N GLN B 173 4.15 -2.31 4.04
CA GLN B 173 4.24 -1.41 2.91
C GLN B 173 5.18 -1.98 1.85
N ALA B 174 6.36 -2.47 2.29
CA ALA B 174 7.36 -2.98 1.36
C ALA B 174 6.91 -4.27 0.67
N MET B 175 5.92 -4.99 1.23
CA MET B 175 5.41 -6.19 0.61
C MET B 175 4.38 -5.92 -0.47
N LEU B 176 3.96 -4.66 -0.63
CA LEU B 176 2.92 -4.35 -1.61
C LEU B 176 3.36 -4.82 -2.97
N THR B 177 2.54 -5.65 -3.59
CA THR B 177 2.82 -6.21 -4.91
C THR B 177 1.87 -5.71 -5.98
N GLU B 178 0.57 -5.64 -5.66
CA GLU B 178 -0.42 -5.30 -6.65
C GLU B 178 -1.63 -4.71 -5.92
N ALA B 179 -2.24 -3.69 -6.51
CA ALA B 179 -3.44 -3.12 -5.92
C ALA B 179 -4.31 -2.56 -7.04
N ASN B 180 -5.60 -2.83 -6.94
CA ASN B 180 -6.58 -2.27 -7.85
C ASN B 180 -7.90 -2.13 -7.09
N GLY B 181 -8.98 -1.86 -7.82
CA GLY B 181 -10.27 -1.70 -7.18
C GLY B 181 -10.87 -2.98 -6.61
N ASP B 182 -10.31 -4.14 -6.96
CA ASP B 182 -10.84 -5.43 -6.51
C ASP B 182 -10.08 -6.03 -5.34
N TYR B 183 -8.78 -5.76 -5.22
CA TYR B 183 -8.00 -6.40 -4.17
C TYR B 183 -6.65 -5.71 -4.01
N ILE B 184 -6.00 -6.00 -2.88
CA ILE B 184 -4.62 -5.61 -2.62
C ILE B 184 -3.85 -6.88 -2.31
N ILE B 185 -2.70 -7.08 -2.95
CA ILE B 185 -1.84 -8.21 -2.63
C ILE B 185 -0.54 -7.69 -2.03
N ARG B 186 -0.22 -8.22 -0.84
CA ARG B 186 1.08 -8.02 -0.20
C ARG B 186 1.70 -9.40 -0.09
N ALA B 187 2.91 -9.57 -0.62
CA ALA B 187 3.43 -10.92 -0.76
C ALA B 187 4.92 -10.87 -1.01
N LYS B 188 5.55 -12.05 -0.94
CA LYS B 188 6.97 -12.18 -1.28
C LYS B 188 7.20 -13.54 -1.95
N THR B 189 7.94 -13.53 -3.06
CA THR B 189 8.33 -14.73 -3.79
C THR B 189 9.62 -15.30 -3.22
N GLY B 190 9.91 -16.55 -3.58
CA GLY B 190 11.21 -17.11 -3.26
C GLY B 190 11.53 -18.33 -4.11
N TYR B 191 12.82 -18.61 -4.25
N TYR B 191 12.83 -18.61 -4.18
CA TYR B 191 13.22 -19.81 -4.98
CA TYR B 191 13.37 -19.71 -4.96
C TYR B 191 14.51 -20.35 -4.38
C TYR B 191 14.54 -20.30 -4.19
N SER B 192 14.47 -21.59 -3.89
CA SER B 192 15.61 -22.35 -3.45
C SER B 192 15.78 -23.49 -4.44
N PRO B 193 16.94 -24.16 -4.49
CA PRO B 193 17.10 -25.26 -5.46
C PRO B 193 15.97 -26.28 -5.31
N LYS B 194 15.11 -26.34 -6.32
CA LYS B 194 13.99 -27.26 -6.48
C LYS B 194 12.67 -26.87 -5.79
N ILE B 195 12.55 -25.69 -5.15
CA ILE B 195 11.28 -25.28 -4.56
C ILE B 195 11.04 -23.79 -4.82
N GLY B 196 9.89 -23.45 -5.38
CA GLY B 196 9.47 -22.06 -5.53
C GLY B 196 8.37 -21.74 -4.52
N TRP B 197 8.37 -20.51 -4.02
CA TRP B 197 7.41 -20.06 -3.01
C TRP B 197 6.70 -18.80 -3.47
N TRP B 198 5.44 -18.64 -3.03
CA TRP B 198 4.83 -17.32 -3.00
C TRP B 198 3.99 -17.28 -1.74
N VAL B 199 4.24 -16.32 -0.86
CA VAL B 199 3.50 -16.22 0.39
C VAL B 199 3.03 -14.78 0.60
N GLY B 200 1.86 -14.63 1.19
CA GLY B 200 1.36 -13.28 1.46
C GLY B 200 -0.12 -13.32 1.77
N TRP B 201 -0.82 -12.25 1.36
CA TRP B 201 -2.26 -12.23 1.55
C TRP B 201 -2.94 -11.34 0.52
N VAL B 202 -4.26 -11.56 0.37
CA VAL B 202 -5.13 -10.77 -0.49
C VAL B 202 -6.10 -10.02 0.40
N GLU B 203 -6.01 -8.69 0.41
CA GLU B 203 -6.95 -7.87 1.17
C GLU B 203 -8.17 -7.57 0.31
N LEU B 204 -9.35 -7.96 0.81
CA LEU B 204 -10.61 -7.59 0.21
C LEU B 204 -11.27 -6.51 1.06
N ASP B 205 -12.42 -6.01 0.60
CA ASP B 205 -13.11 -4.94 1.32
C ASP B 205 -13.42 -5.34 2.76
N ASP B 206 -13.83 -6.59 2.99
CA ASP B 206 -14.26 -6.96 4.34
C ASP B 206 -13.80 -8.36 4.73
N ASN B 207 -12.67 -8.79 4.20
CA ASN B 207 -12.05 -10.04 4.59
C ASN B 207 -10.61 -10.00 4.11
N VAL B 208 -9.79 -10.88 4.67
CA VAL B 208 -8.42 -11.08 4.23
C VAL B 208 -8.24 -12.58 4.01
N TRP B 209 -7.60 -12.94 2.89
CA TRP B 209 -7.25 -14.31 2.57
C TRP B 209 -5.74 -14.42 2.59
N PHE B 210 -5.20 -15.15 3.55
CA PHE B 210 -3.78 -15.44 3.58
C PHE B 210 -3.47 -16.61 2.66
N PHE B 211 -2.30 -16.57 2.03
CA PHE B 211 -1.93 -17.68 1.17
C PHE B 211 -0.46 -18.00 1.35
N ALA B 212 -0.14 -19.29 1.18
CA ALA B 212 1.25 -19.71 1.08
C ALA B 212 1.28 -20.87 0.10
N MET B 213 2.11 -20.75 -0.92
CA MET B 213 2.21 -21.81 -1.90
C MET B 213 3.67 -22.19 -2.08
N ASN B 214 3.93 -23.47 -2.27
CA ASN B 214 5.23 -23.89 -2.75
C ASN B 214 5.04 -24.94 -3.85
N MET B 215 6.05 -25.06 -4.71
CA MET B 215 5.90 -25.94 -5.85
C MET B 215 7.27 -26.45 -6.26
N ASP B 216 7.30 -27.64 -6.85
CA ASP B 216 8.55 -28.19 -7.33
C ASP B 216 9.01 -27.41 -8.55
N MET B 217 10.30 -27.11 -8.61
CA MET B 217 10.84 -26.35 -9.74
C MET B 217 11.80 -27.20 -10.56
N LEU B 223 9.42 -19.04 -13.60
N LEU B 223 8.91 -19.80 -13.23
CA LEU B 223 9.13 -18.54 -12.25
CA LEU B 223 9.12 -18.59 -12.44
C LEU B 223 7.74 -17.90 -12.15
C LEU B 223 7.80 -17.90 -12.19
N GLY B 224 7.22 -17.39 -13.27
CA GLY B 224 5.90 -16.77 -13.26
C GLY B 224 4.80 -17.73 -12.91
N LEU B 225 5.07 -19.03 -12.91
CA LEU B 225 4.08 -20.02 -12.51
C LEU B 225 3.67 -19.87 -11.06
N ARG B 226 4.57 -19.39 -10.21
CA ARG B 226 4.25 -19.25 -8.79
C ARG B 226 3.01 -18.38 -8.61
N GLN B 227 3.01 -17.19 -9.20
CA GLN B 227 1.84 -16.32 -9.12
C GLN B 227 0.69 -16.83 -9.99
N ALA B 228 1.00 -17.35 -11.18
CA ALA B 228 -0.07 -17.77 -12.09
C ALA B 228 -0.91 -18.90 -11.48
N ILE B 229 -0.23 -19.91 -10.92
CA ILE B 229 -0.96 -21.03 -10.32
C ILE B 229 -1.75 -20.57 -9.10
N THR B 230 -1.12 -19.76 -8.23
CA THR B 230 -1.84 -19.22 -7.09
C THR B 230 -3.07 -18.44 -7.53
N LYS B 231 -2.94 -17.62 -8.57
CA LYS B 231 -4.08 -16.84 -9.02
C LYS B 231 -5.18 -17.71 -9.63
N GLU B 232 -4.83 -18.83 -10.28
CA GLU B 232 -5.85 -19.75 -10.74
C GLU B 232 -6.66 -20.31 -9.56
N VAL B 233 -5.99 -20.62 -8.46
CA VAL B 233 -6.70 -21.08 -7.27
C VAL B 233 -7.58 -19.96 -6.71
N LEU B 234 -7.03 -18.76 -6.59
CA LEU B 234 -7.80 -17.63 -6.08
C LEU B 234 -9.02 -17.36 -6.96
N LYS B 235 -8.86 -17.47 -8.28
CA LYS B 235 -9.99 -17.28 -9.20
C LYS B 235 -11.01 -18.39 -9.02
N GLN B 236 -10.56 -19.64 -8.90
CA GLN B 236 -11.49 -20.75 -8.69
C GLN B 236 -12.31 -20.55 -7.43
N GLU B 237 -11.67 -20.10 -6.35
CA GLU B 237 -12.37 -19.89 -5.09
C GLU B 237 -13.12 -18.56 -5.03
N LYS B 238 -13.19 -17.84 -6.15
CA LYS B 238 -13.96 -16.60 -6.24
C LYS B 238 -13.41 -15.50 -5.32
N ILE B 239 -12.11 -15.56 -5.02
CA ILE B 239 -11.49 -14.53 -4.19
C ILE B 239 -11.14 -13.30 -5.03
N ILE B 240 -10.58 -13.51 -6.22
CA ILE B 240 -10.30 -12.43 -7.16
C ILE B 240 -11.08 -12.72 -8.43
N PRO B 241 -11.39 -11.70 -9.24
CA PRO B 241 -12.22 -11.88 -10.45
C PRO B 241 -11.59 -12.82 -11.48
C1 OP0 C . -16.75 13.97 -1.99
O8 OP0 C . -16.12 14.52 -2.88
N14 OP0 C . -17.91 13.37 -2.22
C2 OP0 C . -18.83 13.91 -3.23
C3 OP0 C . -20.18 14.36 -2.68
N15 OP0 C . -20.27 14.44 -1.35
O9 OP0 C . -21.11 14.63 -3.44
C7 OP0 C . -18.25 12.07 -1.67
C6 OP0 C . -18.22 11.04 -2.78
C5 OP0 C . -19.22 11.45 -3.86
C4 OP0 C . -18.98 12.87 -4.35
N16 OP0 C . -16.88 11.03 -3.31
S17 OP0 C . -15.52 10.63 -5.40
O10 OP0 C . -16.85 10.37 -4.59
O13 OP0 C . -15.74 11.93 -6.09
O12 OP0 C . -14.50 10.85 -4.42
O11 OP0 C . -15.50 9.55 -6.39
N21 OP0 C . -23.53 13.13 1.31
C22 OP0 C . -22.72 14.31 0.89
C23 OP0 C . -22.50 14.32 -0.59
O24 OP0 C . -21.38 15.18 -0.88
C1 PEG D . 9.30 24.04 -1.32
O1 PEG D . 8.65 23.64 -0.12
C2 PEG D . 8.67 23.46 -2.55
O2 PEG D . 7.34 23.93 -2.69
C3 PEG D . 6.79 23.73 -3.98
C4 PEG D . 6.08 22.41 -4.02
O4 PEG D . 5.13 22.29 -2.97
C1 EDO E . 10.06 18.13 3.17
O1 EDO E . 11.20 17.69 2.41
C2 EDO E . 9.14 18.95 2.28
O2 EDO E . 8.23 19.73 3.07
C23 A1IYS F . -22.10 14.09 -0.20
C22 A1IYS F . -22.61 14.45 1.17
C4 A1IYS F . -19.05 12.86 -4.37
C5 A1IYS F . -19.30 11.45 -3.83
C6 A1IYS F . -18.20 11.00 -2.89
C7 A1IYS F . -18.06 12.01 -1.76
C1 A1IYS F . -16.63 13.96 -2.12
C2 A1IYS F . -18.81 13.87 -3.23
C3 A1IYS F . -20.13 14.17 -2.52
N15 A1IYS F . -20.04 14.48 -1.22
N21 A1IYS F . -23.52 13.40 1.70
N16 A1IYS F . -16.94 10.92 -3.62
N14 A1IYS F . -17.78 13.33 -2.33
O10 A1IYS F . -16.87 9.90 -4.60
O24 A1IYS F . -21.17 15.09 -0.65
O9 A1IYS F . -21.19 14.14 -3.13
O8 A1IYS F . -16.26 14.96 -2.70
CL CL G . 0.65 0.41 1.45
CL CL H . -16.00 13.86 2.51
O1 2PE I . 6.89 6.77 18.96
C2 2PE I . 5.61 6.85 19.55
C3 2PE I . 4.83 5.58 19.36
O4 2PE I . 5.69 4.46 19.52
C5 2PE I . 6.02 4.20 20.87
C6 2PE I . 5.36 2.93 21.32
O7 2PE I . 4.03 3.21 21.74
C8 2PE I . 3.95 3.61 23.09
C9 2PE I . 2.76 2.97 23.74
O10 2PE I . 1.57 3.51 23.19
C11 2PE I . 0.61 2.51 22.88
C12 2PE I . -0.65 3.11 22.37
O13 2PE I . -1.46 2.10 21.80
C14 2PE I . -1.47 2.14 20.38
C15 2PE I . -2.20 3.36 19.92
O16 2PE I . -1.47 4.01 18.89
C17 2PE I . -1.45 5.42 19.03
C18 2PE I . -2.84 5.97 18.89
O19 2PE I . -2.84 7.35 19.16
C20 2PE I . -4.15 7.90 19.18
C21 2PE I . -5.00 7.17 20.18
O22 2PE I . -4.77 7.69 21.48
C23 2PE I . -5.97 7.99 22.17
C24 2PE I . -5.66 8.92 23.30
O25 2PE I . -4.62 8.37 24.10
C26 2PE I . -3.44 9.17 24.09
C27 2PE I . -3.30 9.87 25.41
O28 2PE I . -4.33 10.81 25.61
C1 OP0 J . 15.42 -15.80 -3.12
O8 OP0 J . 14.59 -16.68 -3.15
N14 OP0 J . 16.25 -15.61 -4.13
C2 OP0 J . 16.61 -16.72 -5.01
C3 OP0 J . 18.10 -17.01 -4.96
N15 OP0 J . 18.57 -17.78 -5.93
O9 OP0 J . 18.80 -16.55 -4.05
C7 OP0 J . 16.70 -14.30 -4.59
C6 OP0 J . 15.96 -13.95 -5.86
C5 OP0 J . 16.27 -15.00 -6.93
C4 OP0 J . 16.04 -16.43 -6.41
N16 OP0 J . 14.56 -13.93 -5.55
S17 OP0 J . 12.27 -14.34 -6.49
O10 OP0 J . 13.77 -13.82 -6.73
O13 OP0 J . 11.59 -13.86 -7.73
O12 OP0 J . 12.34 -15.75 -6.49
O11 OP0 J . 11.79 -13.64 -5.35
N21 OP0 J . 22.68 -18.39 -4.37
C22 OP0 J . 22.09 -18.68 -5.70
C23 OP0 J . 20.60 -18.88 -5.61
O24 OP0 J . 19.96 -17.72 -6.16
C23 A1IYS K . 20.56 -18.83 -5.60
C22 A1IYS K . 22.05 -18.69 -5.52
C4 A1IYS K . 16.10 -16.37 -6.48
C5 A1IYS K . 16.46 -14.94 -6.90
C6 A1IYS K . 15.99 -13.91 -5.90
C7 A1IYS K . 16.53 -14.25 -4.53
C1 A1IYS K . 15.31 -15.83 -3.12
C2 A1IYS K . 16.54 -16.69 -5.04
C3 A1IYS K . 18.05 -16.92 -4.96
N15 A1IYS K . 18.58 -17.63 -5.96
N21 A1IYS K . 22.46 -18.00 -4.27
N16 A1IYS K . 14.53 -13.92 -5.85
N14 A1IYS K . 16.11 -15.61 -4.16
O10 A1IYS K . 13.87 -13.49 -7.03
O24 A1IYS K . 19.98 -17.58 -6.05
O9 A1IYS K . 18.71 -16.48 -4.02
O8 A1IYS K . 14.84 -16.91 -2.86
CL CL L . 17.17 -13.31 0.46
#